data_5B7N
#
_entry.id   5B7N
#
_cell.length_a   103.085
_cell.length_b   103.085
_cell.length_c   118.923
_cell.angle_alpha   90.00
_cell.angle_beta   90.00
_cell.angle_gamma   120.00
#
_symmetry.space_group_name_H-M   'P 31 2 1'
#
loop_
_entity.id
_entity.type
_entity.pdbx_description
1 polymer 'MTA/SAH nucleosidase'
2 non-polymer S-ADENOSYL-L-HOMOCYSTEINE
3 non-polymer GLYCEROL
4 water water
#
_entity_poly.entity_id   1
_entity_poly.type   'polypeptide(L)'
_entity_poly.pdbx_seq_one_letter_code
;SAPILIQGAMDVEVETLVAALKDKQELTVGSWTYWQGTLSGYPVVVSRTEVGLANAAAATTLAMERFQPRLVINQGTAGG
HDPALHRGDIVIGTKSFNMGAYRSDLTPAEQGVDPSKWHNFEVTMRLRDNGKLVEHSSFAGDPELVGRALGMADRYRHGR
VVPGIIGTADEWNRQVARINWLHQTYQTAAEEMETSSAALVAEAYKVPFVGIRVLSNTDLHGEEFDPQTAIHCQQFVIDY
AKALINGF
;
_entity_poly.pdbx_strand_id   A,B
#
loop_
_chem_comp.id
_chem_comp.type
_chem_comp.name
_chem_comp.formula
GOL non-polymer GLYCEROL 'C3 H8 O3'
#
# COMPACT_ATOMS: atom_id res chain seq x y z
N SER A 1 27.15 -13.58 -1.58
CA SER A 1 26.80 -12.50 -2.46
C SER A 1 25.34 -12.08 -2.28
N ALA A 2 25.07 -10.78 -2.29
CA ALA A 2 23.71 -10.30 -2.15
C ALA A 2 22.92 -10.63 -3.40
N PRO A 3 21.69 -11.15 -3.10
CA PRO A 3 20.91 -11.60 -4.24
C PRO A 3 20.22 -10.55 -5.07
N ILE A 4 19.87 -10.90 -6.30
CA ILE A 4 18.98 -10.10 -7.09
C ILE A 4 17.55 -10.54 -6.64
N LEU A 5 16.70 -9.57 -6.37
CA LEU A 5 15.32 -9.84 -6.02
C LEU A 5 14.45 -9.61 -7.24
N ILE A 6 13.70 -10.62 -7.64
CA ILE A 6 12.79 -10.54 -8.81
C ILE A 6 11.35 -10.81 -8.32
N GLN A 7 10.47 -9.86 -8.62
CA GLN A 7 9.11 -9.92 -8.09
C GLN A 7 8.07 -10.13 -9.16
N GLY A 8 7.00 -10.85 -8.81
CA GLY A 8 5.79 -10.89 -9.61
C GLY A 8 4.61 -11.10 -8.66
N ALA A 9 3.43 -10.61 -9.04
CA ALA A 9 2.29 -10.65 -8.12
C ALA A 9 1.54 -11.98 -8.14
N MET A 10 1.30 -12.48 -9.35
CA MET A 10 0.46 -13.67 -9.56
C MET A 10 1.31 -14.89 -9.90
N ASP A 11 0.73 -16.09 -9.72
CA ASP A 11 1.44 -17.33 -10.08
C ASP A 11 1.94 -17.29 -11.51
N VAL A 12 1.10 -16.81 -12.42
CA VAL A 12 1.44 -16.82 -13.84
C VAL A 12 2.62 -15.88 -14.12
N GLU A 13 2.88 -14.95 -13.20
CA GLU A 13 3.98 -13.98 -13.35
C GLU A 13 5.27 -14.44 -12.66
N VAL A 14 5.25 -15.57 -11.96
CA VAL A 14 6.49 -16.03 -11.34
C VAL A 14 6.88 -17.48 -11.65
N GLU A 15 5.99 -18.27 -12.22
CA GLU A 15 6.32 -19.70 -12.35
C GLU A 15 7.47 -19.96 -13.32
N THR A 16 7.59 -19.13 -14.35
CA THR A 16 8.70 -19.25 -15.30
C THR A 16 10.02 -18.87 -14.62
N LEU A 17 10.00 -17.81 -13.82
CA LEU A 17 11.17 -17.44 -13.03
C LEU A 17 11.60 -18.55 -12.08
N VAL A 18 10.63 -19.11 -11.37
CA VAL A 18 10.93 -20.14 -10.40
C VAL A 18 11.51 -21.39 -11.08
N ALA A 19 10.96 -21.75 -12.25
CA ALA A 19 11.47 -22.90 -13.01
C ALA A 19 12.93 -22.72 -13.44
N ALA A 20 13.36 -21.46 -13.58
CA ALA A 20 14.71 -21.13 -14.06
C ALA A 20 15.78 -21.26 -12.97
N LEU A 21 15.38 -21.21 -11.71
CA LEU A 21 16.32 -21.27 -10.60
C LEU A 21 16.88 -22.66 -10.38
N LYS A 22 18.16 -22.73 -10.02
CA LYS A 22 18.76 -23.99 -9.58
C LYS A 22 18.89 -24.03 -8.07
N ASP A 23 18.89 -25.25 -7.52
CA ASP A 23 19.11 -25.48 -6.10
C ASP A 23 18.19 -24.65 -5.20
N LYS A 24 16.89 -24.76 -5.47
CA LYS A 24 15.88 -23.94 -4.81
C LYS A 24 15.51 -24.38 -3.41
N GLN A 25 15.10 -23.41 -2.61
CA GLN A 25 14.30 -23.68 -1.44
C GLN A 25 13.19 -22.63 -1.41
N GLU A 26 12.05 -23.01 -0.87
CA GLU A 26 10.88 -22.14 -0.87
C GLU A 26 10.54 -21.73 0.56
N LEU A 27 10.45 -20.43 0.80
CA LEU A 27 10.20 -19.90 2.13
C LEU A 27 8.94 -19.06 2.14
N THR A 28 8.05 -19.33 3.09
CA THR A 28 6.83 -18.52 3.23
C THR A 28 6.76 -17.95 4.64
N VAL A 29 6.55 -16.64 4.72
CA VAL A 29 6.31 -15.95 5.98
C VAL A 29 5.05 -15.12 5.81
N GLY A 30 4.11 -15.25 6.74
CA GLY A 30 2.85 -14.54 6.60
C GLY A 30 2.13 -14.95 5.33
N SER A 31 1.88 -13.98 4.45
CA SER A 31 1.16 -14.24 3.21
C SER A 31 2.11 -14.31 2.00
N TRP A 32 3.42 -14.27 2.25
CA TRP A 32 4.38 -14.03 1.16
C TRP A 32 5.42 -15.14 1.00
N THR A 33 5.52 -15.64 -0.23
CA THR A 33 6.39 -16.75 -0.57
C THR A 33 7.57 -16.30 -1.42
N TYR A 34 8.73 -16.89 -1.12
CA TYR A 34 9.99 -16.59 -1.78
C TYR A 34 10.66 -17.89 -2.22
N TRP A 35 11.26 -17.88 -3.41
CA TRP A 35 12.09 -19.01 -3.82
C TRP A 35 13.52 -18.51 -3.90
N GLN A 36 14.41 -19.13 -3.13
CA GLN A 36 15.82 -18.79 -3.12
C GLN A 36 16.58 -19.84 -3.92
N GLY A 37 17.36 -19.39 -4.88
CA GLY A 37 18.15 -20.32 -5.69
C GLY A 37 19.21 -19.53 -6.44
N THR A 38 19.69 -20.09 -7.55
CA THR A 38 20.69 -19.38 -8.32
C THR A 38 20.32 -19.31 -9.80
N LEU A 39 20.77 -18.23 -10.44
CA LEU A 39 20.74 -18.08 -11.88
C LEU A 39 22.17 -17.88 -12.32
N SER A 40 22.66 -18.69 -13.25
CA SER A 40 24.05 -18.60 -13.69
C SER A 40 25.01 -18.63 -12.51
N GLY A 41 24.67 -19.44 -11.50
CA GLY A 41 25.48 -19.58 -10.31
C GLY A 41 25.44 -18.42 -9.32
N TYR A 42 24.58 -17.44 -9.57
CA TYR A 42 24.50 -16.26 -8.69
C TYR A 42 23.20 -16.28 -7.91
N PRO A 43 23.22 -15.88 -6.62
CA PRO A 43 22.00 -15.92 -5.81
C PRO A 43 20.88 -15.02 -6.32
N VAL A 44 19.70 -15.61 -6.47
CA VAL A 44 18.50 -14.90 -6.89
C VAL A 44 17.36 -15.30 -5.97
N VAL A 45 16.54 -14.33 -5.58
CA VAL A 45 15.33 -14.62 -4.84
C VAL A 45 14.14 -14.20 -5.68
N VAL A 46 13.23 -15.12 -5.94
CA VAL A 46 12.00 -14.79 -6.64
C VAL A 46 10.88 -14.63 -5.60
N SER A 47 10.18 -13.51 -5.68
CA SER A 47 9.12 -13.19 -4.73
C SER A 47 7.75 -13.15 -5.42
N ARG A 48 6.81 -13.93 -4.89
CA ARG A 48 5.40 -13.78 -5.28
C ARG A 48 4.75 -12.77 -4.32
N THR A 49 4.43 -11.57 -4.82
CA THR A 49 4.09 -10.48 -3.92
C THR A 49 2.63 -10.46 -3.48
N GLU A 50 1.79 -11.21 -4.19
CA GLU A 50 0.33 -11.00 -4.19
C GLU A 50 0.03 -9.60 -4.75
N VAL A 51 -1.23 -9.18 -4.69
CA VAL A 51 -1.67 -8.08 -5.56
C VAL A 51 -1.92 -6.77 -4.80
N GLY A 52 -1.51 -5.65 -5.39
CA GLY A 52 -1.91 -4.34 -4.88
C GLY A 52 -0.84 -3.67 -4.04
N LEU A 53 -1.09 -2.41 -3.67
CA LEU A 53 -0.03 -1.63 -3.04
C LEU A 53 0.38 -2.17 -1.67
N ALA A 54 -0.58 -2.52 -0.82
CA ALA A 54 -0.23 -3.01 0.52
C ALA A 54 0.60 -4.29 0.42
N ASN A 55 0.13 -5.24 -0.37
CA ASN A 55 0.87 -6.49 -0.55
C ASN A 55 2.26 -6.27 -1.13
N ALA A 56 2.37 -5.41 -2.14
CA ALA A 56 3.68 -5.15 -2.73
C ALA A 56 4.64 -4.57 -1.69
N ALA A 57 4.15 -3.65 -0.86
CA ALA A 57 5.04 -3.01 0.11
C ALA A 57 5.46 -4.00 1.19
N ALA A 58 4.51 -4.83 1.65
CA ALA A 58 4.82 -5.85 2.64
C ALA A 58 5.83 -6.86 2.09
N ALA A 59 5.57 -7.38 0.90
CA ALA A 59 6.45 -8.37 0.29
C ALA A 59 7.85 -7.81 0.08
N THR A 60 7.93 -6.53 -0.30
CA THR A 60 9.23 -5.93 -0.56
C THR A 60 9.99 -5.73 0.75
N THR A 61 9.29 -5.19 1.75
CA THR A 61 9.90 -4.95 3.06
C THR A 61 10.41 -6.26 3.66
N LEU A 62 9.59 -7.31 3.58
CA LEU A 62 9.96 -8.60 4.13
C LEU A 62 11.21 -9.13 3.43
N ALA A 63 11.29 -8.95 2.12
CA ALA A 63 12.47 -9.38 1.37
C ALA A 63 13.72 -8.60 1.76
N MET A 64 13.57 -7.29 1.98
CA MET A 64 14.70 -6.49 2.44
C MET A 64 15.24 -7.03 3.75
N GLU A 65 14.33 -7.31 4.69
CA GLU A 65 14.75 -7.77 6.01
C GLU A 65 15.36 -9.17 5.98
N ARG A 66 14.80 -10.06 5.17
CA ARG A 66 15.25 -11.45 5.14
C ARG A 66 16.48 -11.68 4.26
N PHE A 67 16.55 -10.96 3.14
CA PHE A 67 17.53 -11.31 2.10
C PHE A 67 18.52 -10.22 1.74
N GLN A 68 18.24 -8.97 2.13
CA GLN A 68 19.14 -7.84 1.81
C GLN A 68 19.64 -7.88 0.35
N PRO A 69 18.72 -7.74 -0.61
CA PRO A 69 19.11 -7.85 -2.02
C PRO A 69 19.95 -6.69 -2.51
N ARG A 70 20.76 -6.91 -3.53
CA ARG A 70 21.57 -5.80 -4.06
C ARG A 70 20.81 -4.94 -5.07
N LEU A 71 19.76 -5.50 -5.69
CA LEU A 71 18.89 -4.73 -6.56
C LEU A 71 17.55 -5.45 -6.67
N VAL A 72 16.53 -4.72 -7.09
CA VAL A 72 15.17 -5.25 -7.21
C VAL A 72 14.66 -5.06 -8.63
N ILE A 73 14.18 -6.14 -9.23
CA ILE A 73 13.44 -6.08 -10.49
C ILE A 73 12.00 -6.42 -10.18
N ASN A 74 11.11 -5.46 -10.35
CA ASN A 74 9.69 -5.75 -10.18
C ASN A 74 9.12 -5.95 -11.57
N GLN A 75 8.47 -7.07 -11.82
CA GLN A 75 7.96 -7.28 -13.17
C GLN A 75 6.57 -7.90 -13.15
N GLY A 76 6.01 -8.10 -14.34
CA GLY A 76 4.68 -8.67 -14.48
C GLY A 76 3.89 -7.98 -15.58
N THR A 77 2.57 -8.06 -15.47
CA THR A 77 1.68 -7.60 -16.53
C THR A 77 1.03 -6.26 -16.21
N ALA A 78 0.52 -5.60 -17.24
CA ALA A 78 -0.06 -4.28 -17.08
C ALA A 78 -1.07 -4.01 -18.19
N GLY A 79 -1.85 -2.96 -18.02
CA GLY A 79 -2.81 -2.53 -19.03
C GLY A 79 -2.37 -1.26 -19.71
N GLY A 80 -2.51 -1.21 -21.03
CA GLY A 80 -2.04 -0.05 -21.79
C GLY A 80 -2.75 1.25 -21.47
N HIS A 81 -1.97 2.32 -21.36
CA HIS A 81 -2.51 3.68 -21.23
C HIS A 81 -2.16 4.52 -22.45
N ASP A 82 -1.03 4.19 -23.08
CA ASP A 82 -0.56 4.90 -24.27
C ASP A 82 -1.08 4.19 -25.51
N PRO A 83 -1.84 4.92 -26.37
CA PRO A 83 -2.45 4.32 -27.57
C PRO A 83 -1.42 3.75 -28.53
N ALA A 84 -0.17 4.19 -28.43
CA ALA A 84 0.89 3.70 -29.33
C ALA A 84 1.28 2.26 -29.01
N LEU A 85 0.93 1.79 -27.82
CA LEU A 85 1.39 0.48 -27.35
C LEU A 85 0.32 -0.61 -27.48
N HIS A 86 0.79 -1.84 -27.69
CA HIS A 86 -0.10 -2.99 -27.84
C HIS A 86 0.27 -4.12 -26.88
N ARG A 87 -0.67 -5.04 -26.72
CA ARG A 87 -0.45 -6.25 -25.95
C ARG A 87 0.84 -6.90 -26.42
N GLY A 88 1.72 -7.22 -25.46
CA GLY A 88 3.00 -7.84 -25.75
C GLY A 88 4.17 -6.88 -25.73
N ASP A 89 3.90 -5.59 -25.89
CA ASP A 89 4.95 -4.58 -25.74
C ASP A 89 5.39 -4.52 -24.27
N ILE A 90 6.68 -4.29 -24.04
CA ILE A 90 7.21 -4.17 -22.69
C ILE A 90 7.62 -2.74 -22.37
N VAL A 91 7.18 -2.27 -21.21
CA VAL A 91 7.54 -0.95 -20.69
C VAL A 91 8.62 -1.05 -19.63
N ILE A 92 9.71 -0.31 -19.82
CA ILE A 92 10.74 -0.15 -18.80
C ILE A 92 10.45 1.14 -18.03
N GLY A 93 10.27 1.01 -16.72
CA GLY A 93 9.79 2.14 -15.93
C GLY A 93 10.81 3.23 -15.70
N THR A 94 10.81 4.25 -16.56
CA THR A 94 11.68 5.40 -16.32
C THR A 94 11.29 6.03 -14.99
N LYS A 95 9.99 6.07 -14.73
CA LYS A 95 9.52 6.34 -13.37
C LYS A 95 8.24 5.57 -13.11
N SER A 96 7.93 5.37 -11.83
CA SER A 96 6.64 4.86 -11.43
C SER A 96 6.10 5.81 -10.37
N PHE A 97 4.80 5.86 -10.21
CA PHE A 97 4.22 6.72 -9.19
C PHE A 97 2.88 6.18 -8.75
N ASN A 98 2.42 6.68 -7.61
CA ASN A 98 1.11 6.27 -7.09
C ASN A 98 0.00 7.04 -7.79
N MET A 99 -0.47 6.48 -8.90
CA MET A 99 -1.54 7.04 -9.71
C MET A 99 -2.89 7.03 -8.98
N GLY A 100 -3.04 6.15 -8.01
CA GLY A 100 -4.28 6.09 -7.25
C GLY A 100 -4.42 7.11 -6.14
N ALA A 101 -3.38 7.89 -5.88
CA ALA A 101 -3.42 8.83 -4.76
C ALA A 101 -4.17 10.10 -5.16
N TYR A 102 -5.27 10.40 -4.45
CA TYR A 102 -6.15 11.51 -4.83
C TYR A 102 -6.37 12.50 -3.71
N ARG A 103 -6.23 13.79 -4.01
CA ARG A 103 -6.62 14.85 -3.09
C ARG A 103 -7.53 15.80 -3.84
N SER A 104 -8.59 16.26 -3.17
CA SER A 104 -9.50 17.21 -3.83
C SER A 104 -9.79 18.39 -2.93
N ASP A 105 -10.01 19.54 -3.58
CA ASP A 105 -10.46 20.75 -2.90
C ASP A 105 -11.91 20.62 -2.50
N LEU A 106 -12.32 21.41 -1.51
CA LEU A 106 -13.69 21.40 -1.02
C LEU A 106 -14.71 21.79 -2.08
N THR A 107 -15.71 20.93 -2.26
CA THR A 107 -16.88 21.30 -3.06
C THR A 107 -18.14 20.85 -2.34
N PRO A 108 -19.19 21.69 -2.37
CA PRO A 108 -20.45 21.34 -1.73
C PRO A 108 -21.18 20.24 -2.50
N ALA A 109 -22.11 19.57 -1.82
CA ALA A 109 -22.85 18.45 -2.38
C ALA A 109 -23.48 18.75 -3.74
N GLU A 110 -24.02 19.95 -3.91
CA GLU A 110 -24.75 20.28 -5.14
C GLU A 110 -23.86 20.23 -6.39
N GLN A 111 -22.54 20.32 -6.22
CA GLN A 111 -21.64 20.30 -7.37
C GLN A 111 -21.29 18.88 -7.83
N GLY A 112 -21.77 17.89 -7.09
CA GLY A 112 -21.56 16.50 -7.49
C GLY A 112 -20.11 16.04 -7.39
N VAL A 113 -19.80 15.00 -8.14
CA VAL A 113 -18.48 14.38 -8.13
C VAL A 113 -17.74 14.65 -9.44
N ASP A 114 -16.50 15.13 -9.35
CA ASP A 114 -15.71 15.40 -10.55
C ASP A 114 -14.28 14.89 -10.39
N PRO A 115 -13.99 13.69 -10.93
CA PRO A 115 -12.66 13.09 -10.81
C PRO A 115 -11.57 13.87 -11.55
N SER A 116 -11.96 14.74 -12.49
CA SER A 116 -10.99 15.59 -13.16
C SER A 116 -10.38 16.59 -12.19
N LYS A 117 -11.00 16.72 -11.02
CA LYS A 117 -10.52 17.61 -9.95
C LYS A 117 -9.76 16.87 -8.87
N TRP A 118 -9.57 15.56 -9.02
CA TRP A 118 -8.82 14.77 -8.05
C TRP A 118 -7.34 14.79 -8.41
N HIS A 119 -6.54 15.50 -7.64
CA HIS A 119 -5.15 15.67 -7.99
C HIS A 119 -4.28 14.64 -7.30
N ASN A 120 -3.13 14.37 -7.89
CA ASN A 120 -2.23 13.38 -7.33
C ASN A 120 -1.79 13.82 -5.94
N PHE A 121 -1.93 12.91 -4.97
CA PHE A 121 -1.70 13.24 -3.57
C PHE A 121 -0.30 12.75 -3.21
N GLU A 122 0.68 13.64 -3.33
CA GLU A 122 2.09 13.25 -3.29
C GLU A 122 2.56 12.78 -1.91
N VAL A 123 1.82 13.14 -0.86
CA VAL A 123 2.23 12.75 0.48
C VAL A 123 2.29 11.22 0.62
N THR A 124 1.57 10.50 -0.23
CA THR A 124 1.60 9.03 -0.18
C THR A 124 2.96 8.45 -0.61
N MET A 125 3.81 9.29 -1.20
CA MET A 125 5.13 8.86 -1.65
C MET A 125 6.25 9.55 -0.87
N ARG A 126 5.87 10.36 0.11
CA ARG A 126 6.83 11.04 0.97
C ARG A 126 7.47 10.03 1.91
N LEU A 127 8.78 10.16 2.11
CA LEU A 127 9.52 9.28 2.98
C LEU A 127 10.35 10.09 3.96
N ARG A 128 11.07 9.40 4.84
CA ARG A 128 12.03 10.03 5.73
C ARG A 128 13.39 9.43 5.48
N ASP A 129 14.42 10.26 5.53
CA ASP A 129 15.78 9.83 5.33
C ASP A 129 16.58 10.29 6.55
N ASN A 130 16.99 9.34 7.37
CA ASN A 130 17.62 9.64 8.64
C ASN A 130 16.83 10.68 9.42
N GLY A 131 15.51 10.49 9.48
CA GLY A 131 14.66 11.36 10.27
C GLY A 131 14.11 12.58 9.55
N LYS A 132 14.66 12.88 8.37
CA LYS A 132 14.25 14.08 7.64
C LYS A 132 13.29 13.76 6.50
N LEU A 133 12.20 14.51 6.41
CA LEU A 133 11.20 14.28 5.36
C LEU A 133 11.78 14.53 3.99
N VAL A 134 11.52 13.61 3.06
CA VAL A 134 11.95 13.75 1.67
C VAL A 134 10.74 13.53 0.75
N GLU A 135 10.37 14.58 0.02
CA GLU A 135 9.26 14.51 -0.92
C GLU A 135 9.62 13.66 -2.13
N HIS A 136 8.63 12.94 -2.66
CA HIS A 136 8.76 12.24 -3.93
C HIS A 136 7.47 12.38 -4.70
N SER A 137 7.53 12.82 -5.96
CA SER A 137 6.32 12.89 -6.79
C SER A 137 6.28 11.67 -7.71
N SER A 138 7.37 10.92 -7.68
CA SER A 138 7.51 9.66 -8.40
C SER A 138 8.79 9.00 -7.95
N PHE A 139 8.99 7.76 -8.38
CA PHE A 139 10.24 7.04 -8.14
C PHE A 139 10.88 6.71 -9.46
N ALA A 140 12.07 7.25 -9.70
CA ALA A 140 12.80 6.96 -10.93
C ALA A 140 13.33 5.54 -10.90
N GLY A 141 13.15 4.79 -12.00
CA GLY A 141 13.87 3.53 -12.13
C GLY A 141 15.35 3.87 -12.12
N ASP A 142 16.17 3.04 -11.48
CA ASP A 142 17.61 3.26 -11.52
C ASP A 142 18.00 3.48 -12.97
N PRO A 143 18.61 4.63 -13.30
CA PRO A 143 18.77 4.95 -14.72
C PRO A 143 19.71 4.00 -15.45
N GLU A 144 20.74 3.48 -14.78
CA GLU A 144 21.59 2.49 -15.46
C GLU A 144 20.83 1.17 -15.69
N LEU A 145 20.02 0.76 -14.71
CA LEU A 145 19.20 -0.45 -14.89
C LEU A 145 18.20 -0.27 -16.04
N VAL A 146 17.59 0.91 -16.08
CA VAL A 146 16.66 1.25 -17.15
C VAL A 146 17.37 1.22 -18.51
N GLY A 147 18.52 1.90 -18.60
CA GLY A 147 19.29 1.91 -19.83
C GLY A 147 19.65 0.52 -20.32
N ARG A 148 20.08 -0.33 -19.39
CA ARG A 148 20.46 -1.69 -19.75
C ARG A 148 19.29 -2.43 -20.40
N ALA A 149 18.11 -2.32 -19.81
CA ALA A 149 16.92 -2.97 -20.35
C ALA A 149 16.61 -2.46 -21.76
N LEU A 150 16.71 -1.14 -21.95
CA LEU A 150 16.49 -0.56 -23.28
C LEU A 150 17.54 -1.02 -24.27
N GLY A 151 18.78 -1.16 -23.82
CA GLY A 151 19.85 -1.65 -24.68
C GLY A 151 19.63 -3.09 -25.12
N MET A 152 18.88 -3.84 -24.32
CA MET A 152 18.57 -5.23 -24.66
C MET A 152 17.25 -5.38 -25.41
N ALA A 153 16.69 -4.27 -25.89
CA ALA A 153 15.38 -4.31 -26.53
C ALA A 153 15.26 -5.35 -27.65
N ASP A 154 16.29 -5.45 -28.49
CA ASP A 154 16.17 -6.35 -29.64
C ASP A 154 16.44 -7.80 -29.26
N ARG A 155 16.65 -8.07 -27.99
CA ARG A 155 16.68 -9.46 -27.52
C ARG A 155 15.29 -9.96 -27.12
N TYR A 156 14.32 -9.06 -27.04
CA TYR A 156 12.95 -9.45 -26.74
C TYR A 156 12.25 -9.88 -28.03
N ARG A 157 11.72 -11.09 -28.03
CA ARG A 157 11.25 -11.72 -29.27
C ARG A 157 9.77 -11.47 -29.59
N HIS A 158 9.05 -10.80 -28.69
CA HIS A 158 7.59 -10.75 -28.86
C HIS A 158 6.95 -9.39 -28.74
N GLY A 159 7.69 -8.34 -29.09
CA GLY A 159 7.11 -7.01 -29.11
C GLY A 159 8.18 -5.95 -28.89
N ARG A 160 7.73 -4.71 -28.78
CA ARG A 160 8.65 -3.60 -28.59
C ARG A 160 9.08 -3.54 -27.12
N VAL A 161 10.24 -2.96 -26.87
CA VAL A 161 10.64 -2.60 -25.52
C VAL A 161 10.86 -1.10 -25.50
N VAL A 162 10.10 -0.41 -24.67
CA VAL A 162 10.04 1.04 -24.70
C VAL A 162 10.20 1.62 -23.29
N PRO A 163 10.80 2.80 -23.16
CA PRO A 163 10.76 3.49 -21.87
C PRO A 163 9.37 4.07 -21.62
N GLY A 164 8.93 4.10 -20.37
CA GLY A 164 7.64 4.70 -20.11
C GLY A 164 7.38 4.90 -18.63
N ILE A 165 6.32 5.62 -18.35
CA ILE A 165 5.89 5.88 -16.99
C ILE A 165 4.86 4.84 -16.55
N ILE A 166 5.14 4.21 -15.43
CA ILE A 166 4.24 3.19 -14.90
C ILE A 166 3.33 3.80 -13.83
N GLY A 167 2.03 3.72 -14.04
CA GLY A 167 1.05 4.24 -13.10
C GLY A 167 0.49 3.16 -12.21
N THR A 168 0.84 3.23 -10.93
CA THR A 168 0.45 2.21 -9.96
C THR A 168 -0.76 2.65 -9.17
N ALA A 169 -1.74 1.77 -9.05
CA ALA A 169 -2.94 2.07 -8.28
C ALA A 169 -3.61 0.78 -7.92
N ASP A 170 -4.41 0.79 -6.85
CA ASP A 170 -5.23 -0.36 -6.52
C ASP A 170 -6.46 -0.37 -7.42
N GLU A 171 -6.23 -0.34 -8.72
CA GLU A 171 -7.29 -0.12 -9.70
C GLU A 171 -7.07 -0.97 -10.94
N TRP A 172 -8.17 -1.42 -11.52
CA TRP A 172 -8.16 -1.89 -12.90
C TRP A 172 -9.19 -1.04 -13.64
N ASN A 173 -8.71 -0.08 -14.42
CA ASN A 173 -9.57 0.83 -15.18
C ASN A 173 -9.95 0.29 -16.54
N ARG A 174 -11.24 0.27 -16.84
CA ARG A 174 -11.69 -0.09 -18.18
C ARG A 174 -12.64 0.96 -18.76
N GLN A 175 -12.83 2.08 -18.05
CA GLN A 175 -13.54 3.20 -18.66
C GLN A 175 -12.53 3.93 -19.55
N VAL A 176 -12.69 3.80 -20.86
CA VAL A 176 -11.67 4.28 -21.78
C VAL A 176 -11.43 5.79 -21.64
N ALA A 177 -12.48 6.56 -21.38
CA ALA A 177 -12.29 8.00 -21.13
C ALA A 177 -11.41 8.24 -19.90
N ARG A 178 -11.46 7.34 -18.93
CA ARG A 178 -10.64 7.47 -17.70
C ARG A 178 -9.18 7.13 -17.99
N ILE A 179 -8.98 6.04 -18.72
CA ILE A 179 -7.65 5.68 -19.21
C ILE A 179 -7.04 6.85 -19.97
N ASN A 180 -7.83 7.42 -20.89
CA ASN A 180 -7.34 8.55 -21.70
C ASN A 180 -6.96 9.75 -20.83
N TRP A 181 -7.79 10.06 -19.84
CA TRP A 181 -7.53 11.18 -18.95
C TRP A 181 -6.25 10.95 -18.13
N LEU A 182 -6.09 9.75 -17.60
CA LEU A 182 -4.87 9.44 -16.86
C LEU A 182 -3.64 9.54 -17.76
N HIS A 183 -3.73 9.02 -18.98
CA HIS A 183 -2.61 9.16 -19.90
C HIS A 183 -2.29 10.61 -20.23
N GLN A 184 -3.31 11.42 -20.47
CA GLN A 184 -3.07 12.82 -20.82
C GLN A 184 -2.56 13.65 -19.65
N THR A 185 -2.97 13.27 -18.44
CA THR A 185 -2.57 14.01 -17.25
C THR A 185 -1.18 13.61 -16.74
N TYR A 186 -0.88 12.31 -16.79
CA TYR A 186 0.32 11.78 -16.15
C TYR A 186 1.35 11.18 -17.11
N GLN A 187 1.03 11.17 -18.41
CA GLN A 187 1.92 10.65 -19.43
C GLN A 187 2.24 9.16 -19.20
N THR A 188 1.28 8.44 -18.64
CA THR A 188 1.45 7.01 -18.35
C THR A 188 1.54 6.13 -19.60
N ALA A 189 2.42 5.14 -19.56
CA ALA A 189 2.51 4.13 -20.60
C ALA A 189 1.53 3.00 -20.33
N ALA A 190 1.35 2.68 -19.05
CA ALA A 190 0.56 1.52 -18.65
C ALA A 190 0.19 1.64 -17.18
N GLU A 191 -0.84 0.89 -16.78
CA GLU A 191 -1.29 0.85 -15.39
C GLU A 191 -1.16 -0.55 -14.80
N GLU A 192 -0.78 -0.61 -13.54
CA GLU A 192 -0.75 -1.84 -12.78
CA GLU A 192 -0.77 -1.85 -12.78
C GLU A 192 -0.91 -1.53 -11.30
N MET A 193 -0.64 -2.51 -10.44
CA MET A 193 -1.02 -2.35 -9.03
C MET A 193 0.08 -2.54 -7.99
N GLU A 194 1.35 -2.65 -8.39
CA GLU A 194 2.42 -2.90 -7.42
C GLU A 194 3.65 -2.01 -7.52
N THR A 195 3.99 -1.58 -8.73
CA THR A 195 5.35 -1.08 -8.99
C THR A 195 5.79 0.08 -8.08
N SER A 196 5.01 1.14 -7.98
CA SER A 196 5.47 2.31 -7.20
C SER A 196 5.52 2.01 -5.71
N SER A 197 4.80 0.99 -5.29
CA SER A 197 4.80 0.59 -3.89
C SER A 197 6.10 -0.16 -3.56
N ALA A 198 6.46 -1.13 -4.40
CA ALA A 198 7.75 -1.78 -4.30
C ALA A 198 8.87 -0.76 -4.46
N ALA A 199 8.67 0.20 -5.36
CA ALA A 199 9.70 1.22 -5.60
C ALA A 199 9.88 2.11 -4.37
N LEU A 200 8.78 2.41 -3.68
CA LEU A 200 8.83 3.23 -2.48
C LEU A 200 9.69 2.55 -1.41
N VAL A 201 9.47 1.26 -1.22
CA VAL A 201 10.24 0.52 -0.23
C VAL A 201 11.71 0.43 -0.65
N ALA A 202 11.97 0.19 -1.93
CA ALA A 202 13.36 0.14 -2.41
C ALA A 202 14.06 1.49 -2.20
N GLU A 203 13.34 2.60 -2.41
CA GLU A 203 13.93 3.91 -2.18
C GLU A 203 14.26 4.11 -0.69
N ALA A 204 13.35 3.67 0.18
CA ALA A 204 13.56 3.81 1.62
C ALA A 204 14.81 3.06 2.06
N TYR A 205 15.04 1.90 1.44
CA TYR A 205 16.19 1.06 1.77
C TYR A 205 17.43 1.38 0.94
N LYS A 206 17.26 2.32 0.00
CA LYS A 206 18.32 2.73 -0.92
C LYS A 206 18.91 1.55 -1.69
N VAL A 207 18.01 0.77 -2.28
CA VAL A 207 18.36 -0.37 -3.12
C VAL A 207 17.91 -0.10 -4.55
N PRO A 208 18.83 -0.19 -5.53
CA PRO A 208 18.48 0.07 -6.93
C PRO A 208 17.28 -0.77 -7.39
N PHE A 209 16.39 -0.12 -8.14
CA PHE A 209 15.09 -0.69 -8.51
C PHE A 209 14.78 -0.43 -9.97
N VAL A 210 14.20 -1.41 -10.64
CA VAL A 210 13.65 -1.16 -11.96
C VAL A 210 12.35 -1.96 -12.15
N GLY A 211 11.35 -1.28 -12.72
CA GLY A 211 10.10 -1.93 -13.09
C GLY A 211 10.08 -2.30 -14.57
N ILE A 212 9.67 -3.54 -14.85
CA ILE A 212 9.64 -4.06 -16.21
C ILE A 212 8.28 -4.69 -16.41
N ARG A 213 7.43 -4.08 -17.24
CA ARG A 213 6.06 -4.56 -17.37
C ARG A 213 5.63 -4.82 -18.80
N VAL A 214 5.07 -6.00 -19.04
CA VAL A 214 4.49 -6.30 -20.34
C VAL A 214 3.01 -5.94 -20.33
N LEU A 215 2.53 -5.39 -21.44
CA LEU A 215 1.10 -5.20 -21.59
C LEU A 215 0.45 -6.54 -21.84
N SER A 216 -0.40 -7.00 -20.93
CA SER A 216 -1.16 -8.24 -21.16
C SER A 216 -2.51 -7.92 -21.75
N ASN A 217 -2.83 -6.63 -21.74
CA ASN A 217 -4.14 -6.16 -22.18
C ASN A 217 -4.08 -4.67 -22.47
N THR A 218 -4.95 -4.20 -23.35
CA THR A 218 -5.21 -2.78 -23.46
C THR A 218 -6.56 -2.52 -24.09
N ASP A 219 -7.38 -1.77 -23.37
CA ASP A 219 -8.72 -1.47 -23.84
C ASP A 219 -8.69 -0.34 -24.88
N LEU A 220 -7.51 0.20 -25.14
CA LEU A 220 -7.38 1.21 -26.20
C LEU A 220 -7.35 0.54 -27.58
N HIS A 221 -7.20 -0.78 -27.60
CA HIS A 221 -7.18 -1.51 -28.87
C HIS A 221 -8.02 -2.78 -28.83
N GLY A 222 -8.91 -2.88 -27.84
CA GLY A 222 -9.77 -4.05 -27.72
C GLY A 222 -9.00 -5.35 -27.51
N GLU A 223 -7.84 -5.24 -26.88
CA GLU A 223 -6.97 -6.40 -26.68
C GLU A 223 -7.12 -6.95 -25.26
N GLU A 224 -7.80 -8.10 -25.17
CA GLU A 224 -8.07 -8.74 -23.89
C GLU A 224 -6.86 -9.48 -23.34
N PHE A 225 -6.92 -9.83 -22.06
CA PHE A 225 -5.84 -10.51 -21.36
C PHE A 225 -5.31 -11.75 -22.10
N ASP A 226 -4.00 -11.79 -22.29
CA ASP A 226 -3.30 -12.95 -22.82
C ASP A 226 -2.23 -13.38 -21.84
N PRO A 227 -2.41 -14.55 -21.19
CA PRO A 227 -1.48 -14.99 -20.15
C PRO A 227 -0.08 -15.25 -20.68
N GLN A 228 0.03 -15.53 -21.98
CA GLN A 228 1.33 -15.82 -22.55
C GLN A 228 2.27 -14.62 -22.45
N THR A 229 1.73 -13.41 -22.40
CA THR A 229 2.58 -12.23 -22.24
C THR A 229 3.36 -12.29 -20.94
N ALA A 230 2.76 -12.84 -19.89
CA ALA A 230 3.43 -12.96 -18.60
C ALA A 230 4.64 -13.88 -18.68
N ILE A 231 4.50 -14.97 -19.41
CA ILE A 231 5.62 -15.89 -19.63
C ILE A 231 6.72 -15.18 -20.42
N HIS A 232 6.32 -14.47 -21.45
CA HIS A 232 7.26 -13.75 -22.31
C HIS A 232 8.04 -12.70 -21.52
N CYS A 233 7.36 -12.01 -20.62
CA CYS A 233 8.03 -11.00 -19.79
C CYS A 233 9.10 -11.66 -18.91
N GLN A 234 8.74 -12.78 -18.29
CA GLN A 234 9.71 -13.46 -17.44
C GLN A 234 10.95 -13.94 -18.22
N GLN A 235 10.75 -14.42 -19.45
CA GLN A 235 11.87 -14.83 -20.28
C GLN A 235 12.83 -13.66 -20.52
N PHE A 236 12.27 -12.50 -20.85
CA PHE A 236 13.08 -11.30 -21.04
C PHE A 236 13.81 -10.94 -19.76
N VAL A 237 13.12 -10.95 -18.64
CA VAL A 237 13.73 -10.65 -17.37
C VAL A 237 14.87 -11.61 -16.96
N ILE A 238 14.72 -12.89 -17.27
CA ILE A 238 15.74 -13.87 -16.98
C ILE A 238 17.02 -13.52 -17.80
N ASP A 239 16.80 -13.17 -19.05
CA ASP A 239 17.90 -12.78 -19.93
C ASP A 239 18.63 -11.52 -19.37
N TYR A 240 17.82 -10.57 -18.96
CA TYR A 240 18.29 -9.33 -18.35
C TYR A 240 19.08 -9.60 -17.04
N ALA A 241 18.54 -10.44 -16.18
CA ALA A 241 19.20 -10.76 -14.94
C ALA A 241 20.52 -11.46 -15.19
N LYS A 242 20.50 -12.38 -16.14
CA LYS A 242 21.73 -13.08 -16.48
C LYS A 242 22.77 -12.07 -17.01
N ALA A 243 22.35 -11.05 -17.74
CA ALA A 243 23.28 -10.03 -18.19
C ALA A 243 23.91 -9.24 -17.01
N LEU A 244 23.09 -8.89 -16.04
CA LEU A 244 23.61 -8.24 -14.86
C LEU A 244 24.59 -9.16 -14.12
N ILE A 245 24.25 -10.43 -14.04
CA ILE A 245 25.07 -11.38 -13.35
C ILE A 245 26.42 -11.51 -14.05
N ASN A 246 26.42 -11.52 -15.36
CA ASN A 246 27.67 -11.63 -16.09
C ASN A 246 28.54 -10.43 -15.71
N GLY A 247 27.91 -9.30 -15.54
CA GLY A 247 28.57 -8.09 -15.10
C GLY A 247 29.17 -8.07 -13.69
N PHE A 248 28.57 -8.81 -12.78
CA PHE A 248 29.06 -8.90 -11.41
C PHE A 248 30.38 -9.65 -11.37
N SER B 1 6.21 -10.50 27.84
CA SER B 1 7.28 -10.07 26.99
C SER B 1 7.08 -9.65 25.52
N ALA B 2 6.11 -10.16 24.80
CA ALA B 2 5.87 -9.68 23.45
C ALA B 2 5.20 -8.31 23.60
N PRO B 3 5.76 -7.30 22.86
CA PRO B 3 5.18 -5.97 23.01
C PRO B 3 3.84 -5.75 22.28
N ILE B 4 3.19 -4.77 22.76
CA ILE B 4 2.00 -4.19 22.17
C ILE B 4 2.66 -3.14 21.18
N LEU B 5 2.22 -3.20 19.92
CA LEU B 5 2.63 -2.25 18.88
C LEU B 5 1.56 -1.18 18.72
N ILE B 6 1.95 0.09 18.87
CA ILE B 6 1.02 1.20 18.68
C ILE B 6 1.54 2.09 17.55
N GLN B 7 0.68 2.36 16.58
CA GLN B 7 1.06 3.05 15.35
C GLN B 7 0.39 4.41 15.17
N GLY B 8 1.12 5.34 14.59
CA GLY B 8 0.56 6.58 14.09
C GLY B 8 1.34 7.03 12.86
N ALA B 9 0.68 7.74 11.96
CA ALA B 9 1.32 8.10 10.69
C ALA B 9 2.22 9.33 10.81
N MET B 10 1.68 10.38 11.42
CA MET B 10 2.32 11.68 11.50
C MET B 10 2.99 11.91 12.85
N ASP B 11 3.94 12.84 12.89
CA ASP B 11 4.58 13.20 14.15
C ASP B 11 3.55 13.57 15.21
N VAL B 12 2.54 14.34 14.82
CA VAL B 12 1.56 14.83 15.78
C VAL B 12 0.72 13.68 16.32
N GLU B 13 0.73 12.54 15.62
CA GLU B 13 -0.03 11.37 16.03
C GLU B 13 0.79 10.37 16.85
N VAL B 14 2.08 10.63 17.08
CA VAL B 14 2.88 9.71 17.87
C VAL B 14 3.65 10.35 19.03
N GLU B 15 3.82 11.67 19.04
CA GLU B 15 4.74 12.27 20.02
C GLU B 15 4.22 12.15 21.45
N THR B 16 2.91 12.13 21.62
CA THR B 16 2.32 11.94 22.95
C THR B 16 2.54 10.50 23.45
N LEU B 17 2.39 9.54 22.54
CA LEU B 17 2.71 8.14 22.85
C LEU B 17 4.18 7.99 23.25
N VAL B 18 5.05 8.59 22.47
CA VAL B 18 6.49 8.47 22.70
C VAL B 18 6.86 9.05 24.08
N ALA B 19 6.25 10.17 24.42
CA ALA B 19 6.50 10.81 25.71
C ALA B 19 6.08 9.95 26.89
N ALA B 20 5.11 9.06 26.67
CA ALA B 20 4.59 8.21 27.73
C ALA B 20 5.48 7.01 28.02
N LEU B 21 6.36 6.67 27.07
CA LEU B 21 7.21 5.51 27.22
C LEU B 21 8.33 5.73 28.24
N LYS B 22 8.59 4.71 29.02
CA LYS B 22 9.71 4.73 29.92
C LYS B 22 10.89 3.92 29.25
N ASP B 23 12.14 4.29 29.53
CA ASP B 23 13.36 3.60 29.08
C ASP B 23 13.40 3.35 27.58
N LYS B 24 13.21 4.41 26.88
CA LYS B 24 13.03 4.44 25.43
C LYS B 24 14.32 4.11 24.70
N GLN B 25 14.23 3.25 23.69
CA GLN B 25 15.32 3.08 22.73
C GLN B 25 14.76 3.27 21.33
N GLU B 26 15.44 4.09 20.53
CA GLU B 26 14.97 4.44 19.20
C GLU B 26 15.65 3.60 18.13
N LEU B 27 14.90 3.16 17.13
CA LEU B 27 15.43 2.40 16.00
C LEU B 27 14.85 2.93 14.70
N THR B 28 15.71 3.18 13.71
CA THR B 28 15.21 3.60 12.40
C THR B 28 15.76 2.66 11.35
N VAL B 29 14.86 2.08 10.57
CA VAL B 29 15.23 1.22 9.45
C VAL B 29 14.50 1.74 8.22
N GLY B 30 15.22 1.97 7.13
CA GLY B 30 14.61 2.55 5.95
C GLY B 30 14.02 3.92 6.25
N SER B 31 12.71 4.06 6.05
CA SER B 31 12.02 5.31 6.29
C SER B 31 11.28 5.32 7.63
N TRP B 32 11.43 4.24 8.41
CA TRP B 32 10.52 4.02 9.52
C TRP B 32 11.19 3.96 10.88
N THR B 33 10.70 4.81 11.78
CA THR B 33 11.26 4.93 13.12
C THR B 33 10.37 4.26 14.16
N TYR B 34 11.01 3.57 15.10
CA TYR B 34 10.32 2.88 16.20
C TYR B 34 10.91 3.32 17.53
N TRP B 35 10.05 3.47 18.53
CA TRP B 35 10.51 3.72 19.89
C TRP B 35 10.10 2.54 20.75
N GLN B 36 11.10 1.86 21.32
CA GLN B 36 10.89 0.68 22.14
C GLN B 36 11.08 1.05 23.61
N GLY B 37 10.02 0.90 24.40
CA GLY B 37 10.09 1.26 25.81
C GLY B 37 9.06 0.47 26.59
N THR B 38 8.64 1.00 27.73
CA THR B 38 7.58 0.36 28.51
C THR B 38 6.46 1.32 28.90
N LEU B 39 5.27 0.77 29.04
CA LEU B 39 4.14 1.41 29.68
C LEU B 39 3.71 0.52 30.82
N SER B 40 3.56 1.08 32.02
CA SER B 40 3.20 0.27 33.19
C SER B 40 4.10 -0.95 33.34
N GLY B 41 5.37 -0.77 33.00
CA GLY B 41 6.37 -1.81 33.13
C GLY B 41 6.36 -2.88 32.04
N TYR B 42 5.46 -2.75 31.07
CA TYR B 42 5.30 -3.75 30.02
C TYR B 42 5.82 -3.23 28.68
N PRO B 43 6.48 -4.10 27.88
CA PRO B 43 7.04 -3.62 26.61
C PRO B 43 6.02 -3.12 25.60
N VAL B 44 6.27 -1.92 25.09
CA VAL B 44 5.45 -1.28 24.07
C VAL B 44 6.38 -0.74 23.00
N VAL B 45 5.99 -0.90 21.73
CA VAL B 45 6.71 -0.29 20.63
C VAL B 45 5.79 0.70 19.93
N VAL B 46 6.21 1.96 19.88
CA VAL B 46 5.50 2.97 19.11
C VAL B 46 6.15 3.11 17.74
N SER B 47 5.31 3.11 16.71
CA SER B 47 5.76 3.16 15.32
C SER B 47 5.19 4.38 14.65
N ARG B 48 6.06 5.19 14.05
CA ARG B 48 5.61 6.26 13.15
C ARG B 48 5.64 5.68 11.75
N THR B 49 4.46 5.48 11.16
CA THR B 49 4.37 4.69 9.92
C THR B 49 4.63 5.49 8.66
N GLU B 50 4.57 6.82 8.75
CA GLU B 50 4.41 7.71 7.59
C GLU B 50 3.04 7.43 6.96
N VAL B 51 2.74 8.07 5.83
CA VAL B 51 1.35 8.19 5.38
C VAL B 51 1.03 7.28 4.20
N GLY B 52 -0.17 6.67 4.23
CA GLY B 52 -0.68 5.96 3.07
C GLY B 52 -0.51 4.46 3.13
N LEU B 53 -1.13 3.74 2.19
CA LEU B 53 -1.17 2.28 2.26
C LEU B 53 0.20 1.62 2.14
N ALA B 54 1.03 2.06 1.19
CA ALA B 54 2.34 1.43 1.05
C ALA B 54 3.19 1.63 2.31
N ASN B 55 3.24 2.86 2.83
CA ASN B 55 3.97 3.12 4.07
C ASN B 55 3.44 2.31 5.25
N ALA B 56 2.11 2.22 5.37
CA ALA B 56 1.53 1.49 6.48
C ALA B 56 1.92 0.02 6.43
N ALA B 57 1.85 -0.57 5.24
CA ALA B 57 2.15 -2.00 5.11
C ALA B 57 3.64 -2.26 5.36
N ALA B 58 4.50 -1.39 4.85
CA ALA B 58 5.94 -1.51 5.11
C ALA B 58 6.25 -1.38 6.59
N ALA B 59 5.73 -0.33 7.23
CA ALA B 59 6.00 -0.11 8.64
C ALA B 59 5.46 -1.26 9.51
N THR B 60 4.32 -1.82 9.14
CA THR B 60 3.74 -2.91 9.91
C THR B 60 4.57 -4.19 9.72
N THR B 61 4.94 -4.49 8.48
CA THR B 61 5.71 -5.68 8.18
C THR B 61 7.06 -5.64 8.89
N LEU B 62 7.71 -4.48 8.84
CA LEU B 62 9.00 -4.30 9.49
C LEU B 62 8.87 -4.53 11.00
N ALA B 63 7.81 -4.02 11.60
CA ALA B 63 7.57 -4.23 13.03
C ALA B 63 7.34 -5.70 13.37
N MET B 64 6.63 -6.41 12.49
CA MET B 64 6.42 -7.84 12.72
C MET B 64 7.74 -8.57 12.73
N GLU B 65 8.60 -8.25 11.77
CA GLU B 65 9.88 -8.93 11.64
C GLU B 65 10.82 -8.58 12.79
N ARG B 66 10.80 -7.33 13.22
CA ARG B 66 11.73 -6.88 14.25
C ARG B 66 11.27 -7.15 15.68
N PHE B 67 9.97 -7.06 15.92
CA PHE B 67 9.49 -7.03 17.30
C PHE B 67 8.51 -8.13 17.71
N GLN B 68 7.94 -8.84 16.75
CA GLN B 68 6.94 -9.88 17.02
C GLN B 68 5.89 -9.46 18.06
N PRO B 69 5.14 -8.38 17.79
CA PRO B 69 4.17 -7.88 18.77
C PRO B 69 3.03 -8.84 19.06
N ARG B 70 2.45 -8.77 20.26
CA ARG B 70 1.31 -9.64 20.58
C ARG B 70 -0.01 -9.07 20.11
N LEU B 71 -0.05 -7.76 19.89
CA LEU B 71 -1.22 -7.12 19.29
C LEU B 71 -0.83 -5.77 18.72
N VAL B 72 -1.67 -5.28 17.82
CA VAL B 72 -1.45 -4.01 17.13
C VAL B 72 -2.63 -3.07 17.34
N ILE B 73 -2.32 -1.87 17.80
CA ILE B 73 -3.29 -0.77 17.82
C ILE B 73 -2.85 0.23 16.79
N ASN B 74 -3.64 0.42 15.75
CA ASN B 74 -3.37 1.48 14.78
C ASN B 74 -4.28 2.65 15.09
N GLN B 75 -3.71 3.83 15.25
CA GLN B 75 -4.52 4.97 15.62
C GLN B 75 -4.08 6.23 14.90
N GLY B 76 -4.82 7.32 15.13
CA GLY B 76 -4.53 8.58 14.48
C GLY B 76 -5.82 9.29 14.11
N THR B 77 -5.73 10.18 13.12
CA THR B 77 -6.83 11.03 12.73
C THR B 77 -7.53 10.57 11.45
N ALA B 78 -8.74 11.06 11.23
CA ALA B 78 -9.55 10.69 10.08
C ALA B 78 -10.55 11.78 9.77
N GLY B 79 -11.19 11.67 8.62
CA GLY B 79 -12.21 12.62 8.21
C GLY B 79 -13.58 11.98 8.23
N GLY B 80 -14.59 12.69 8.74
CA GLY B 80 -15.92 12.13 8.87
C GLY B 80 -16.60 11.75 7.58
N HIS B 81 -17.23 10.58 7.57
CA HIS B 81 -18.10 10.14 6.48
C HIS B 81 -19.54 10.04 6.91
N ASP B 82 -19.75 9.82 8.22
CA ASP B 82 -21.09 9.70 8.77
C ASP B 82 -21.50 11.06 9.33
N PRO B 83 -22.62 11.62 8.84
CA PRO B 83 -23.10 12.94 9.29
C PRO B 83 -23.37 12.98 10.79
N ALA B 84 -23.59 11.83 11.41
CA ALA B 84 -23.86 11.79 12.85
C ALA B 84 -22.62 12.13 13.68
N LEU B 85 -21.44 12.04 13.06
CA LEU B 85 -20.20 12.22 13.81
C LEU B 85 -19.58 13.60 13.62
N HIS B 86 -18.85 14.04 14.63
CA HIS B 86 -18.23 15.35 14.65
C HIS B 86 -16.76 15.26 15.01
N ARG B 87 -16.03 16.32 14.69
CA ARG B 87 -14.64 16.45 15.07
C ARG B 87 -14.48 16.14 16.55
N GLY B 88 -13.54 15.26 16.87
CA GLY B 88 -13.32 14.86 18.25
C GLY B 88 -13.94 13.51 18.62
N ASP B 89 -14.96 13.08 17.88
CA ASP B 89 -15.50 11.74 18.10
C ASP B 89 -14.46 10.70 17.70
N ILE B 90 -14.47 9.56 18.39
CA ILE B 90 -13.53 8.48 18.10
C ILE B 90 -14.27 7.27 17.56
N VAL B 91 -13.82 6.77 16.42
CA VAL B 91 -14.35 5.56 15.81
C VAL B 91 -13.50 4.36 16.19
N ILE B 92 -14.12 3.33 16.75
CA ILE B 92 -13.46 2.05 16.95
C ILE B 92 -13.80 1.14 15.78
N GLY B 93 -12.79 0.70 15.03
CA GLY B 93 -13.03 0.00 13.79
C GLY B 93 -13.59 -1.41 13.91
N THR B 94 -14.91 -1.54 13.78
CA THR B 94 -15.51 -2.87 13.73
C THR B 94 -14.94 -3.62 12.53
N LYS B 95 -14.71 -2.90 11.45
CA LYS B 95 -13.93 -3.43 10.34
C LYS B 95 -13.28 -2.27 9.60
N SER B 96 -12.20 -2.57 8.87
CA SER B 96 -11.63 -1.62 7.93
C SER B 96 -11.54 -2.31 6.59
N PHE B 97 -11.45 -1.53 5.52
CA PHE B 97 -11.34 -2.12 4.19
C PHE B 97 -10.69 -1.13 3.24
N ASN B 98 -10.16 -1.65 2.15
CA ASN B 98 -9.53 -0.81 1.14
C ASN B 98 -10.60 -0.13 0.27
N MET B 99 -11.04 1.04 0.74
CA MET B 99 -12.05 1.84 0.09
C MET B 99 -11.55 2.39 -1.26
N GLY B 100 -10.25 2.53 -1.41
CA GLY B 100 -9.68 3.07 -2.63
C GLY B 100 -9.52 2.05 -3.74
N ALA B 101 -9.85 0.79 -3.47
CA ALA B 101 -9.68 -0.26 -4.49
C ALA B 101 -10.84 -0.26 -5.47
N TYR B 102 -10.56 -0.02 -6.75
CA TYR B 102 -11.63 0.15 -7.74
C TYR B 102 -11.41 -0.73 -8.96
N ARG B 103 -12.44 -1.45 -9.39
CA ARG B 103 -12.43 -2.05 -10.72
C ARG B 103 -13.63 -1.54 -11.50
N SER B 104 -13.46 -1.29 -12.79
CA SER B 104 -14.56 -0.76 -13.57
C SER B 104 -14.79 -1.60 -14.82
N ASP B 105 -16.04 -1.64 -15.26
CA ASP B 105 -16.41 -2.36 -16.46
C ASP B 105 -16.09 -1.54 -17.71
N LEU B 106 -15.92 -2.24 -18.83
CA LEU B 106 -15.52 -1.60 -20.08
C LEU B 106 -16.56 -0.60 -20.59
N THR B 107 -16.15 0.64 -20.81
CA THR B 107 -17.00 1.62 -21.47
C THR B 107 -16.19 2.36 -22.53
N PRO B 108 -16.78 2.57 -23.71
CA PRO B 108 -16.05 3.33 -24.72
C PRO B 108 -15.87 4.78 -24.30
N ALA B 109 -14.94 5.47 -24.95
CA ALA B 109 -14.56 6.83 -24.59
C ALA B 109 -15.75 7.78 -24.62
N GLU B 110 -16.67 7.53 -25.54
CA GLU B 110 -17.85 8.38 -25.71
C GLU B 110 -18.68 8.48 -24.43
N GLN B 111 -18.63 7.46 -23.57
CA GLN B 111 -19.47 7.42 -22.38
C GLN B 111 -18.91 8.16 -21.17
N GLY B 112 -17.70 8.70 -21.31
CA GLY B 112 -17.12 9.50 -20.25
C GLY B 112 -16.69 8.70 -19.03
N VAL B 113 -16.56 9.39 -17.90
CA VAL B 113 -16.07 8.79 -16.66
C VAL B 113 -17.16 8.82 -15.58
N ASP B 114 -17.42 7.68 -14.96
CA ASP B 114 -18.46 7.62 -13.92
C ASP B 114 -18.01 6.77 -12.74
N PRO B 115 -17.50 7.42 -11.69
CA PRO B 115 -17.02 6.68 -10.52
C PRO B 115 -18.12 5.95 -9.77
N SER B 116 -19.39 6.33 -10.00
CA SER B 116 -20.47 5.66 -9.30
C SER B 116 -20.65 4.24 -9.83
N LYS B 117 -20.01 3.97 -10.98
CA LYS B 117 -20.08 2.63 -11.58
C LYS B 117 -18.92 1.75 -11.13
N TRP B 118 -17.93 2.33 -10.46
CA TRP B 118 -16.76 1.57 -10.05
C TRP B 118 -17.11 0.59 -8.92
N HIS B 119 -16.49 -0.59 -8.94
CA HIS B 119 -16.74 -1.59 -7.91
C HIS B 119 -15.56 -1.73 -6.97
N ASN B 120 -15.82 -2.02 -5.71
CA ASN B 120 -14.74 -2.31 -4.79
C ASN B 120 -13.94 -3.53 -5.28
N PHE B 121 -12.62 -3.38 -5.36
CA PHE B 121 -11.77 -4.37 -6.00
C PHE B 121 -11.11 -5.23 -4.92
N GLU B 122 -11.80 -6.30 -4.53
CA GLU B 122 -11.44 -7.05 -3.33
C GLU B 122 -10.13 -7.85 -3.42
N VAL B 123 -9.62 -8.05 -4.64
CA VAL B 123 -8.36 -8.78 -4.79
C VAL B 123 -7.21 -8.06 -4.06
N THR B 124 -7.36 -6.76 -3.84
CA THR B 124 -6.34 -5.99 -3.14
C THR B 124 -6.22 -6.41 -1.67
N MET B 125 -7.22 -7.12 -1.17
CA MET B 125 -7.22 -7.57 0.21
C MET B 125 -7.08 -9.09 0.31
N ARG B 126 -6.90 -9.75 -0.83
CA ARG B 126 -6.68 -11.20 -0.85
C ARG B 126 -5.28 -11.55 -0.34
N LEU B 127 -5.21 -12.59 0.47
CA LEU B 127 -3.94 -13.03 1.03
C LEU B 127 -3.74 -14.52 0.76
N ARG B 128 -2.61 -15.04 1.22
CA ARG B 128 -2.41 -16.48 1.28
C ARG B 128 -2.11 -16.88 2.70
N ASP B 129 -2.55 -18.09 3.06
CA ASP B 129 -2.25 -18.65 4.36
C ASP B 129 -1.72 -20.04 4.11
N ASN B 130 -0.50 -20.28 4.57
CA ASN B 130 0.22 -21.51 4.25
C ASN B 130 0.15 -21.76 2.75
N GLY B 131 0.28 -20.69 1.98
CA GLY B 131 0.28 -20.77 0.52
C GLY B 131 -1.07 -20.85 -0.17
N LYS B 132 -2.16 -20.96 0.58
CA LYS B 132 -3.49 -21.09 -0.01
C LYS B 132 -4.25 -19.76 0.02
N LEU B 133 -4.87 -19.41 -1.11
CA LEU B 133 -5.56 -18.12 -1.22
C LEU B 133 -6.72 -18.00 -0.26
N VAL B 134 -6.78 -16.85 0.42
CA VAL B 134 -7.86 -16.53 1.33
C VAL B 134 -8.41 -15.15 0.97
N GLU B 135 -9.67 -15.11 0.56
CA GLU B 135 -10.26 -13.84 0.16
C GLU B 135 -10.68 -13.03 1.39
N HIS B 136 -10.61 -11.71 1.26
CA HIS B 136 -11.07 -10.79 2.30
C HIS B 136 -11.78 -9.62 1.65
N SER B 137 -12.97 -9.28 2.13
CA SER B 137 -13.65 -8.09 1.64
C SER B 137 -13.51 -6.95 2.65
N SER B 138 -12.99 -7.29 3.82
CA SER B 138 -12.64 -6.32 4.87
C SER B 138 -11.82 -7.04 5.92
N PHE B 139 -11.34 -6.28 6.90
CA PHE B 139 -10.61 -6.86 8.02
C PHE B 139 -11.32 -6.45 9.30
N ALA B 140 -11.82 -7.43 10.03
CA ALA B 140 -12.53 -7.13 11.26
C ALA B 140 -11.55 -6.70 12.34
N GLY B 141 -11.89 -5.64 13.07
CA GLY B 141 -11.16 -5.37 14.29
C GLY B 141 -11.35 -6.57 15.22
N ASP B 142 -10.30 -6.98 15.94
CA ASP B 142 -10.45 -8.04 16.94
C ASP B 142 -11.63 -7.69 17.85
N PRO B 143 -12.67 -8.53 17.89
CA PRO B 143 -13.92 -8.09 18.53
C PRO B 143 -13.75 -7.87 20.04
N GLU B 144 -12.88 -8.62 20.71
CA GLU B 144 -12.64 -8.33 22.12
C GLU B 144 -11.93 -6.98 22.28
N LEU B 145 -10.95 -6.69 21.43
CA LEU B 145 -10.27 -5.40 21.48
C LEU B 145 -11.25 -4.26 21.18
N VAL B 146 -12.15 -4.47 20.23
CA VAL B 146 -13.16 -3.48 19.88
C VAL B 146 -14.07 -3.22 21.08
N GLY B 147 -14.57 -4.32 21.67
CA GLY B 147 -15.44 -4.22 22.82
C GLY B 147 -14.80 -3.48 23.97
N ARG B 148 -13.51 -3.77 24.22
CA ARG B 148 -12.79 -3.11 25.29
C ARG B 148 -12.78 -1.59 25.10
N ALA B 149 -12.51 -1.14 23.89
CA ALA B 149 -12.47 0.30 23.63
C ALA B 149 -13.85 0.93 23.87
N LEU B 150 -14.90 0.24 23.41
CA LEU B 150 -16.26 0.74 23.63
C LEU B 150 -16.61 0.79 25.12
N GLY B 151 -16.18 -0.22 25.88
CA GLY B 151 -16.42 -0.24 27.32
C GLY B 151 -15.71 0.89 28.06
N MET B 152 -14.64 1.41 27.47
CA MET B 152 -13.89 2.49 28.08
C MET B 152 -14.36 3.86 27.59
N ALA B 153 -15.49 3.92 26.89
CA ALA B 153 -15.96 5.17 26.27
C ALA B 153 -16.06 6.34 27.25
N ASP B 154 -16.52 6.03 28.47
CA ASP B 154 -16.72 7.04 29.52
C ASP B 154 -15.43 7.75 29.94
N ARG B 155 -14.29 7.15 29.64
CA ARG B 155 -13.01 7.70 30.05
C ARG B 155 -12.47 8.72 29.06
N TYR B 156 -13.09 8.80 27.89
CA TYR B 156 -12.73 9.79 26.87
C TYR B 156 -13.67 10.98 26.99
N ARG B 157 -13.12 12.16 27.25
CA ARG B 157 -13.95 13.31 27.61
C ARG B 157 -13.95 14.41 26.56
N HIS B 158 -13.61 14.07 25.32
CA HIS B 158 -13.56 15.07 24.25
C HIS B 158 -14.42 14.74 23.05
N GLY B 159 -15.36 13.82 23.24
CA GLY B 159 -16.29 13.41 22.20
C GLY B 159 -16.86 12.04 22.52
N ARG B 160 -17.60 11.47 21.57
CA ARG B 160 -18.20 10.16 21.73
C ARG B 160 -17.27 9.09 21.18
N VAL B 161 -17.29 7.91 21.80
CA VAL B 161 -16.55 6.76 21.29
C VAL B 161 -17.58 5.81 20.72
N VAL B 162 -17.47 5.53 19.42
CA VAL B 162 -18.49 4.75 18.74
C VAL B 162 -17.88 3.65 17.89
N PRO B 163 -18.60 2.54 17.71
CA PRO B 163 -18.16 1.56 16.71
C PRO B 163 -18.40 2.11 15.31
N GLY B 164 -17.51 1.81 14.36
CA GLY B 164 -17.76 2.24 13.00
C GLY B 164 -16.86 1.57 11.99
N ILE B 165 -17.19 1.76 10.73
CA ILE B 165 -16.45 1.19 9.61
C ILE B 165 -15.43 2.22 9.11
N ILE B 166 -14.18 1.80 9.06
CA ILE B 166 -13.08 2.67 8.65
C ILE B 166 -12.75 2.42 7.18
N GLY B 167 -12.90 3.43 6.34
CA GLY B 167 -12.58 3.31 4.93
C GLY B 167 -11.19 3.83 4.63
N THR B 168 -10.30 2.92 4.24
CA THR B 168 -8.90 3.25 3.98
C THR B 168 -8.64 3.43 2.50
N ALA B 169 -7.99 4.54 2.15
CA ALA B 169 -7.65 4.85 0.76
C ALA B 169 -6.49 5.82 0.76
N ASP B 170 -5.71 5.83 -0.31
CA ASP B 170 -4.70 6.86 -0.50
C ASP B 170 -5.38 8.16 -1.00
N GLU B 171 -6.35 8.63 -0.23
CA GLU B 171 -7.22 9.71 -0.65
C GLU B 171 -7.51 10.65 0.51
N TRP B 172 -7.57 11.93 0.22
CA TRP B 172 -8.26 12.88 1.09
C TRP B 172 -9.37 13.49 0.25
N ASN B 173 -10.61 13.08 0.52
CA ASN B 173 -11.79 13.55 -0.21
C ASN B 173 -12.41 14.79 0.42
N ARG B 174 -12.59 15.83 -0.38
CA ARG B 174 -13.32 17.02 0.10
C ARG B 174 -14.47 17.38 -0.84
N GLN B 175 -14.75 16.52 -1.82
CA GLN B 175 -15.99 16.67 -2.58
C GLN B 175 -17.10 16.04 -1.75
N VAL B 176 -17.94 16.88 -1.19
CA VAL B 176 -18.96 16.41 -0.25
C VAL B 176 -19.87 15.36 -0.88
N ALA B 177 -20.19 15.52 -2.17
CA ALA B 177 -21.00 14.51 -2.86
C ALA B 177 -20.29 13.16 -2.92
N ARG B 178 -18.97 13.16 -3.03
CA ARG B 178 -18.21 11.92 -3.06
C ARG B 178 -18.20 11.28 -1.67
N ILE B 179 -17.98 12.09 -0.63
CA ILE B 179 -18.04 11.60 0.73
C ILE B 179 -19.42 10.97 0.99
N ASN B 180 -20.47 11.64 0.56
CA ASN B 180 -21.82 11.13 0.76
C ASN B 180 -22.03 9.81 0.03
N TRP B 181 -21.54 9.73 -1.21
CA TRP B 181 -21.70 8.50 -1.98
C TRP B 181 -20.96 7.34 -1.32
N LEU B 182 -19.73 7.59 -0.87
CA LEU B 182 -18.95 6.54 -0.22
C LEU B 182 -19.65 6.08 1.06
N HIS B 183 -20.18 7.03 1.82
CA HIS B 183 -20.91 6.68 3.04
C HIS B 183 -22.16 5.86 2.74
N GLN B 184 -22.91 6.26 1.73
CA GLN B 184 -24.13 5.53 1.38
C GLN B 184 -23.83 4.14 0.84
N THR B 185 -22.71 3.99 0.16
CA THR B 185 -22.37 2.73 -0.50
C THR B 185 -21.71 1.72 0.43
N TYR B 186 -20.83 2.22 1.30
CA TYR B 186 -19.98 1.36 2.14
C TYR B 186 -20.23 1.52 3.64
N GLN B 187 -21.16 2.40 4.01
CA GLN B 187 -21.55 2.60 5.40
C GLN B 187 -20.38 3.06 6.26
N THR B 188 -19.47 3.81 5.66
CA THR B 188 -18.27 4.27 6.35
C THR B 188 -18.54 5.30 7.45
N ALA B 189 -17.83 5.16 8.57
CA ALA B 189 -17.85 6.18 9.62
C ALA B 189 -16.88 7.32 9.30
N ALA B 190 -15.74 6.97 8.72
CA ALA B 190 -14.67 7.93 8.51
C ALA B 190 -13.71 7.39 7.48
N GLU B 191 -12.95 8.30 6.86
CA GLU B 191 -11.90 7.92 5.91
C GLU B 191 -10.51 8.27 6.44
N GLU B 192 -9.55 7.40 6.15
CA GLU B 192 -8.15 7.68 6.43
CA GLU B 192 -8.15 7.70 6.43
C GLU B 192 -7.29 6.88 5.47
N MET B 193 -5.99 6.78 5.73
CA MET B 193 -5.08 6.30 4.71
C MET B 193 -4.17 5.14 5.09
N GLU B 194 -4.36 4.55 6.27
CA GLU B 194 -3.46 3.46 6.70
C GLU B 194 -4.14 2.18 7.21
N THR B 195 -5.32 2.32 7.81
CA THR B 195 -5.79 1.25 8.70
C THR B 195 -5.91 -0.13 8.05
N SER B 196 -6.60 -0.21 6.92
CA SER B 196 -6.83 -1.53 6.32
C SER B 196 -5.54 -2.16 5.79
N SER B 197 -4.54 -1.33 5.53
CA SER B 197 -3.25 -1.80 5.06
C SER B 197 -2.47 -2.42 6.23
N ALA B 198 -2.38 -1.71 7.34
CA ALA B 198 -1.81 -2.30 8.55
C ALA B 198 -2.60 -3.55 8.95
N ALA B 199 -3.92 -3.50 8.81
CA ALA B 199 -4.78 -4.62 9.21
C ALA B 199 -4.50 -5.84 8.33
N LEU B 200 -4.27 -5.58 7.05
CA LEU B 200 -3.92 -6.65 6.11
C LEU B 200 -2.66 -7.37 6.58
N VAL B 201 -1.64 -6.61 6.93
CA VAL B 201 -0.40 -7.24 7.38
C VAL B 201 -0.61 -7.96 8.70
N ALA B 202 -1.39 -7.38 9.62
CA ALA B 202 -1.67 -8.06 10.89
C ALA B 202 -2.39 -9.40 10.67
N GLU B 203 -3.30 -9.43 9.71
CA GLU B 203 -4.01 -10.67 9.38
C GLU B 203 -3.06 -11.72 8.81
N ALA B 204 -2.17 -11.29 7.92
CA ALA B 204 -1.16 -12.20 7.36
C ALA B 204 -0.31 -12.84 8.45
N TYR B 205 0.01 -12.08 9.49
CA TYR B 205 0.85 -12.57 10.59
C TYR B 205 0.02 -13.12 11.75
N LYS B 206 -1.29 -13.06 11.61
CA LYS B 206 -2.22 -13.60 12.61
C LYS B 206 -2.00 -12.96 13.99
N VAL B 207 -1.91 -11.64 13.98
CA VAL B 207 -1.76 -10.84 15.19
C VAL B 207 -2.99 -9.97 15.37
N PRO B 208 -3.63 -10.05 16.56
CA PRO B 208 -4.83 -9.24 16.83
C PRO B 208 -4.62 -7.76 16.56
N PHE B 209 -5.63 -7.14 15.96
CA PHE B 209 -5.52 -5.77 15.47
C PHE B 209 -6.75 -4.97 15.83
N VAL B 210 -6.58 -3.71 16.18
CA VAL B 210 -7.72 -2.81 16.29
C VAL B 210 -7.35 -1.41 15.81
N GLY B 211 -8.25 -0.81 15.03
CA GLY B 211 -8.09 0.56 14.59
C GLY B 211 -8.90 1.51 15.46
N ILE B 212 -8.25 2.60 15.88
CA ILE B 212 -8.88 3.59 16.73
C ILE B 212 -8.59 4.97 16.14
N ARG B 213 -9.63 5.63 15.62
CA ARG B 213 -9.43 6.87 14.87
C ARG B 213 -10.29 8.01 15.36
N VAL B 214 -9.66 9.14 15.65
CA VAL B 214 -10.39 10.34 16.04
C VAL B 214 -10.69 11.14 14.78
N LEU B 215 -11.88 11.70 14.69
CA LEU B 215 -12.14 12.64 13.59
C LEU B 215 -11.41 13.94 13.90
N SER B 216 -10.43 14.29 13.07
CA SER B 216 -9.78 15.59 13.21
C SER B 216 -10.48 16.63 12.35
N ASN B 217 -11.34 16.15 11.47
CA ASN B 217 -12.03 17.00 10.52
C ASN B 217 -13.28 16.32 10.00
N THR B 218 -14.26 17.10 9.59
CA THR B 218 -15.31 16.57 8.74
C THR B 218 -15.96 17.68 7.93
N ASP B 219 -15.98 17.48 6.61
CA ASP B 219 -16.55 18.47 5.73
C ASP B 219 -18.07 18.37 5.70
N LEU B 220 -18.61 17.40 6.44
CA LEU B 220 -20.06 17.27 6.55
C LEU B 220 -20.61 18.28 7.55
N HIS B 221 -19.73 18.93 8.31
CA HIS B 221 -20.15 19.93 9.29
C HIS B 221 -19.24 21.16 9.26
N GLY B 222 -18.48 21.30 8.18
CA GLY B 222 -17.58 22.44 8.04
C GLY B 222 -16.55 22.52 9.15
N GLU B 223 -16.15 21.35 9.67
CA GLU B 223 -15.22 21.30 10.79
C GLU B 223 -13.82 21.01 10.26
N GLU B 224 -12.97 22.03 10.29
CA GLU B 224 -11.62 21.91 9.74
C GLU B 224 -10.66 21.26 10.73
N PHE B 225 -9.51 20.85 10.21
CA PHE B 225 -8.50 20.15 11.00
C PHE B 225 -8.17 20.82 12.33
N ASP B 226 -8.25 20.04 13.41
CA ASP B 226 -7.81 20.46 14.73
C ASP B 226 -6.78 19.47 15.23
N PRO B 227 -5.52 19.91 15.34
CA PRO B 227 -4.42 19.04 15.75
C PRO B 227 -4.59 18.48 17.17
N GLN B 228 -5.32 19.19 18.03
CA GLN B 228 -5.51 18.72 19.41
C GLN B 228 -6.22 17.38 19.44
N THR B 229 -7.01 17.07 18.42
CA THR B 229 -7.71 15.80 18.39
C THR B 229 -6.71 14.64 18.37
N ALA B 230 -5.57 14.82 17.69
CA ALA B 230 -4.57 13.75 17.61
C ALA B 230 -3.98 13.48 18.98
N ILE B 231 -3.81 14.54 19.77
CA ILE B 231 -3.26 14.38 21.11
C ILE B 231 -4.27 13.65 22.01
N HIS B 232 -5.53 14.06 21.90
CA HIS B 232 -6.61 13.43 22.67
C HIS B 232 -6.77 11.95 22.33
N CYS B 233 -6.62 11.60 21.06
CA CYS B 233 -6.68 10.21 20.66
C CYS B 233 -5.57 9.41 21.33
N GLN B 234 -4.35 9.95 21.32
CA GLN B 234 -3.23 9.26 21.94
C GLN B 234 -3.43 9.11 23.44
N GLN B 235 -4.05 10.11 24.08
CA GLN B 235 -4.33 10.00 25.50
C GLN B 235 -5.28 8.83 25.79
N PHE B 236 -6.33 8.70 24.98
CA PHE B 236 -7.26 7.58 25.11
C PHE B 236 -6.54 6.25 24.88
N VAL B 237 -5.69 6.19 23.85
CA VAL B 237 -4.99 4.95 23.51
C VAL B 237 -3.98 4.55 24.59
N ILE B 238 -3.34 5.52 25.25
CA ILE B 238 -2.46 5.23 26.37
C ILE B 238 -3.26 4.58 27.50
N ASP B 239 -4.41 5.14 27.82
CA ASP B 239 -5.29 4.56 28.86
C ASP B 239 -5.70 3.11 28.49
N TYR B 240 -6.08 2.94 27.25
CA TYR B 240 -6.50 1.67 26.71
C TYR B 240 -5.38 0.62 26.78
N ALA B 241 -4.18 1.00 26.37
CA ALA B 241 -3.05 0.11 26.45
C ALA B 241 -2.69 -0.26 27.86
N LYS B 242 -2.75 0.70 28.74
CA LYS B 242 -2.51 0.48 30.15
C LYS B 242 -3.57 -0.52 30.73
N ALA B 243 -4.80 -0.43 30.29
CA ALA B 243 -5.81 -1.38 30.73
C ALA B 243 -5.49 -2.81 30.28
N LEU B 244 -5.07 -2.92 29.01
CA LEU B 244 -4.67 -4.19 28.50
C LEU B 244 -3.49 -4.75 29.32
N ILE B 245 -2.56 -3.89 29.61
CA ILE B 245 -1.37 -4.24 30.38
C ILE B 245 -1.70 -4.70 31.79
N ASN B 246 -2.65 -4.06 32.45
CA ASN B 246 -3.10 -4.42 33.80
C ASN B 246 -3.62 -5.87 33.73
N GLY B 247 -4.28 -6.18 32.64
CA GLY B 247 -4.77 -7.51 32.33
C GLY B 247 -3.77 -8.61 32.05
N PHE B 248 -2.63 -8.25 31.52
CA PHE B 248 -1.61 -9.22 31.21
C PHE B 248 -1.00 -9.86 32.48
N SAH C . -7.63 -12.43 -12.04
CA SAH C . -6.38 -12.02 -11.39
CB SAH C . -6.39 -10.51 -11.21
CG SAH C . -5.24 -9.91 -10.45
SD SAH C . -5.34 -8.10 -10.40
C SAH C . -6.25 -12.76 -10.06
O SAH C . -5.15 -13.07 -9.58
OXT SAH C . -7.25 -13.09 -9.43
C5' SAH C . -4.28 -7.84 -11.83
C4' SAH C . -2.79 -8.06 -11.62
O4' SAH C . -2.14 -7.87 -12.87
C3' SAH C . -2.20 -7.04 -10.67
O3' SAH C . -1.05 -7.61 -10.09
C2' SAH C . -1.82 -5.89 -11.60
O2' SAH C . -0.62 -5.24 -11.23
C1' SAH C . -1.68 -6.53 -12.97
N9 SAH C . -2.47 -5.91 -14.06
C8 SAH C . -2.54 -6.43 -15.34
N7 SAH C . -3.32 -5.64 -16.11
C5 SAH C . -3.76 -4.61 -15.34
C6 SAH C . -4.58 -3.53 -15.63
N6 SAH C . -5.12 -3.33 -16.84
N1 SAH C . -4.85 -2.62 -14.63
C2 SAH C . -4.33 -2.78 -13.37
N3 SAH C . -3.52 -3.86 -13.09
C4 SAH C . -3.23 -4.76 -14.06
C1 GOL D . 3.71 11.09 -13.35
O1 GOL D . 3.70 11.91 -14.50
C2 GOL D . 4.48 11.79 -12.22
O2 GOL D . 5.86 11.80 -12.51
C3 GOL D . 4.04 13.24 -12.14
O3 GOL D . 2.79 13.30 -11.52
N SAH E . -0.54 17.84 6.14
CA SAH E . -0.31 16.47 6.56
CB SAH E . -1.21 15.55 5.73
CG SAH E . -1.06 14.06 5.98
SD SAH E . -2.24 13.11 4.99
C SAH E . 1.17 16.14 6.44
O SAH E . 1.72 15.29 7.15
OXT SAH E . 1.87 16.73 5.63
C5' SAH E . -3.45 12.90 6.33
C4' SAH E . -3.07 11.88 7.41
O4' SAH E . -4.08 11.96 8.41
C3' SAH E . -3.08 10.46 6.91
O3' SAH E . -2.20 9.69 7.71
C2' SAH E . -4.53 10.06 7.07
O2' SAH E . -4.71 8.71 7.47
C1' SAH E . -5.09 11.00 8.14
N9 SAH E . -6.33 11.73 7.76
C8 SAH E . -6.90 12.69 8.55
N7 SAH E . -8.01 13.18 7.95
C5 SAH E . -8.17 12.54 6.77
C6 SAH E . -9.14 12.67 5.78
N6 SAH E . -10.15 13.55 5.88
N1 SAH E . -9.04 11.87 4.65
C2 SAH E . -8.00 10.98 4.53
N3 SAH E . -7.04 10.87 5.51
C4 SAH E . -7.13 11.63 6.63
C1 GOL F . -16.50 -3.35 3.63
O1 GOL F . -17.21 -4.49 4.08
C2 GOL F . -17.35 -2.57 2.64
O2 GOL F . -17.52 -3.36 1.49
C3 GOL F . -18.73 -2.31 3.22
O3 GOL F . -18.60 -1.74 4.51
#